data_4EX7
#
_entry.id   4EX7
#
_cell.length_a   48.256
_cell.length_b   63.228
_cell.length_c   63.491
_cell.angle_alpha   90.00
_cell.angle_beta   90.00
_cell.angle_gamma   90.00
#
_symmetry.space_group_name_H-M   'P 21 21 21'
#
loop_
_entity.id
_entity.type
_entity.pdbx_description
1 polymer AlnB
2 non-polymer 'MAGNESIUM ION'
3 non-polymer 'BORIC ACID'
4 non-polymer 'PHOSPHATE ION'
5 water water
#
_entity_poly.entity_id   1
_entity_poly.type   'polypeptide(L)'
_entity_poly.pdbx_seq_one_letter_code
;MAHHHHHHHRSSGAPAAADRGVILDLDGTLADTPAAIATITAEVLAAMGTAVSRGAILSTVGRPLPASLAGLLGVPVEDP
RVAEATEEYGRRFGAHVRAAGPRLLYPGVLEGLDRLSAAGFRLAMATSKVEKAARAIAELTGLDTRLTVIAGDDSVERGK
PHPDMALHVARGLGIPPERCVVIGDGVPDAEMGRAAGMTVIGVSYGVSGPDELMRAGADTVVDSFPAAVTAVLDGHP
;
_entity_poly.pdbx_strand_id   A
#
loop_
_chem_comp.id
_chem_comp.type
_chem_comp.name
_chem_comp.formula
BO3 non-polymer 'BORIC ACID' 'B H3 O3'
MG non-polymer 'MAGNESIUM ION' 'Mg 2'
PO4 non-polymer 'PHOSPHATE ION' 'O4 P -3'
#
# COMPACT_ATOMS: atom_id res chain seq x y z
N ASP A 19 19.15 -7.78 11.32
CA ASP A 19 18.53 -6.84 12.31
C ASP A 19 18.11 -5.50 11.65
N ARG A 20 17.41 -5.64 10.55
CA ARG A 20 16.98 -4.50 9.76
C ARG A 20 15.52 -4.73 9.44
N GLY A 21 14.84 -3.67 8.99
CA GLY A 21 13.42 -3.72 8.72
C GLY A 21 13.12 -3.38 7.28
N VAL A 22 12.04 -4.00 6.78
CA VAL A 22 11.53 -3.71 5.44
C VAL A 22 10.04 -3.42 5.61
N ILE A 23 9.65 -2.22 5.20
CA ILE A 23 8.30 -1.72 5.32
C ILE A 23 7.73 -1.64 3.91
N LEU A 24 6.67 -2.39 3.65
CA LEU A 24 6.14 -2.62 2.32
C LEU A 24 4.75 -2.01 2.15
N ASP A 25 4.57 -1.27 1.08
CA ASP A 25 3.26 -0.85 0.66
C ASP A 25 2.48 -2.09 0.15
N LEU A 26 1.15 -2.01 0.18
CA LEU A 26 0.29 -3.10 -0.30
C LEU A 26 -0.08 -2.92 -1.76
N ASP A 27 -0.97 -1.96 -2.04
CA ASP A 27 -1.54 -1.84 -3.39
C ASP A 27 -0.49 -1.37 -4.39
N GLY A 28 -0.24 -2.16 -5.43
CA GLY A 28 0.70 -1.77 -6.45
C GLY A 28 2.15 -2.11 -6.12
N THR A 29 2.37 -2.79 -4.97
CA THR A 29 3.70 -3.17 -4.54
C THR A 29 3.72 -4.68 -4.24
N LEU A 30 2.96 -5.08 -3.23
CA LEU A 30 2.77 -6.51 -2.93
C LEU A 30 1.62 -7.12 -3.72
N ALA A 31 0.53 -6.35 -3.84
CA ALA A 31 -0.73 -6.83 -4.39
C ALA A 31 -1.02 -6.14 -5.72
N ASP A 32 -1.37 -6.95 -6.72
CA ASP A 32 -1.64 -6.49 -8.08
C ASP A 32 -3.09 -6.04 -8.17
N THR A 33 -3.37 -4.94 -7.50
CA THR A 33 -4.70 -4.40 -7.37
C THR A 33 -5.04 -3.10 -8.14
N PRO A 34 -4.07 -2.39 -8.73
CA PRO A 34 -4.49 -1.14 -9.41
C PRO A 34 -5.65 -1.24 -10.40
N ALA A 35 -5.67 -2.28 -11.22
CA ALA A 35 -6.75 -2.41 -12.19
C ALA A 35 -8.09 -2.69 -11.51
N ALA A 36 -8.09 -3.58 -10.52
CA ALA A 36 -9.31 -3.89 -9.77
C ALA A 36 -9.81 -2.69 -8.98
N ILE A 37 -8.89 -1.93 -8.40
CA ILE A 37 -9.29 -0.72 -7.68
C ILE A 37 -10.01 0.25 -8.63
N ALA A 38 -9.45 0.48 -9.81
CA ALA A 38 -10.08 1.39 -10.78
C ALA A 38 -11.47 0.86 -11.18
N THR A 39 -11.55 -0.42 -11.51
CA THR A 39 -12.82 -1.02 -11.95
C THR A 39 -13.87 -0.99 -10.84
N ILE A 40 -13.50 -1.39 -9.62
CA ILE A 40 -14.47 -1.44 -8.53
C ILE A 40 -14.89 -0.02 -8.10
N THR A 41 -13.98 0.94 -8.17
CA THR A 41 -14.34 2.34 -7.92
C THR A 41 -15.44 2.75 -8.89
N ALA A 42 -15.25 2.45 -10.17
CA ALA A 42 -16.27 2.72 -11.17
C ALA A 42 -17.60 2.00 -10.92
N GLU A 43 -17.55 0.74 -10.48
CA GLU A 43 -18.75 -0.03 -10.12
C GLU A 43 -19.52 0.69 -8.99
N VAL A 44 -18.78 1.15 -8.01
CA VAL A 44 -19.38 1.80 -6.85
C VAL A 44 -20.02 3.13 -7.26
N LEU A 45 -19.33 3.94 -8.05
CA LEU A 45 -19.93 5.15 -8.56
C LEU A 45 -21.20 4.87 -9.37
N ALA A 46 -21.20 3.81 -10.18
CA ALA A 46 -22.38 3.45 -10.98
C ALA A 46 -23.53 3.03 -10.06
N ALA A 47 -23.20 2.31 -8.99
CA ALA A 47 -24.21 1.94 -8.00
C ALA A 47 -24.82 3.18 -7.39
N MET A 48 -24.00 4.22 -7.19
CA MET A 48 -24.44 5.49 -6.62
CA MET A 48 -24.46 5.48 -6.62
C MET A 48 -25.14 6.37 -7.67
N GLY A 49 -25.26 5.86 -8.90
CA GLY A 49 -25.96 6.54 -10.00
C GLY A 49 -25.14 7.55 -10.78
N THR A 50 -23.82 7.44 -10.71
CA THR A 50 -22.97 8.44 -11.30
C THR A 50 -21.72 7.82 -11.90
N ALA A 51 -20.85 8.68 -12.42
CA ALA A 51 -19.65 8.28 -13.11
C ALA A 51 -18.74 9.50 -13.14
N VAL A 52 -17.45 9.28 -13.33
CA VAL A 52 -16.51 10.38 -13.44
C VAL A 52 -15.51 10.02 -14.51
N SER A 53 -14.63 10.96 -14.86
CA SER A 53 -13.66 10.67 -15.89
C SER A 53 -12.71 9.55 -15.50
N ARG A 54 -12.26 8.82 -16.50
CA ARG A 54 -11.27 7.78 -16.28
CA ARG A 54 -11.27 7.77 -16.27
C ARG A 54 -10.03 8.33 -15.55
N GLY A 55 -9.54 9.50 -15.99
CA GLY A 55 -8.33 10.10 -15.41
C GLY A 55 -8.53 10.43 -13.95
N ALA A 56 -9.75 10.83 -13.58
CA ALA A 56 -10.02 11.13 -12.16
C ALA A 56 -9.88 9.88 -11.30
N ILE A 57 -10.49 8.78 -11.74
CA ILE A 57 -10.36 7.51 -11.02
C ILE A 57 -8.91 7.09 -10.93
N LEU A 58 -8.17 7.17 -12.03
CA LEU A 58 -6.79 6.72 -12.03
C LEU A 58 -5.92 7.51 -11.03
N SER A 59 -6.23 8.79 -10.87
CA SER A 59 -5.48 9.66 -9.98
C SER A 59 -5.64 9.25 -8.51
N THR A 60 -6.66 8.45 -8.18
CA THR A 60 -6.95 8.04 -6.81
C THR A 60 -6.45 6.67 -6.45
N VAL A 61 -6.01 5.90 -7.44
CA VAL A 61 -5.78 4.48 -7.22
C VAL A 61 -4.73 4.26 -6.14
N GLY A 62 -5.10 3.52 -5.11
CA GLY A 62 -4.17 3.20 -4.04
C GLY A 62 -4.10 4.22 -2.93
N ARG A 63 -4.75 5.36 -3.08
CA ARG A 63 -4.78 6.38 -2.02
C ARG A 63 -5.90 6.05 -1.02
N PRO A 64 -5.96 6.75 0.12
CA PRO A 64 -6.99 6.43 1.12
C PRO A 64 -8.41 6.46 0.51
N LEU A 65 -9.20 5.46 0.86
CA LEU A 65 -10.44 5.22 0.11
C LEU A 65 -11.53 6.26 0.38
N PRO A 66 -11.90 6.51 1.64
CA PRO A 66 -12.97 7.48 1.82
C PRO A 66 -12.65 8.86 1.23
N ALA A 67 -11.45 9.37 1.49
CA ALA A 67 -11.04 10.63 0.87
C ALA A 67 -11.07 10.62 -0.65
N SER A 68 -10.66 9.51 -1.24
CA SER A 68 -10.68 9.34 -2.71
C SER A 68 -12.11 9.36 -3.24
N LEU A 69 -12.99 8.58 -2.62
CA LEU A 69 -14.39 8.53 -3.05
C LEU A 69 -15.06 9.90 -2.88
N ALA A 70 -14.76 10.57 -1.77
CA ALA A 70 -15.30 11.91 -1.55
C ALA A 70 -14.87 12.86 -2.66
N GLY A 71 -13.60 12.80 -3.05
CA GLY A 71 -13.06 13.64 -4.11
C GLY A 71 -13.69 13.34 -5.47
N LEU A 72 -13.90 12.06 -5.76
CA LEU A 72 -14.54 11.64 -7.03
C LEU A 72 -16.01 12.06 -7.08
N LEU A 73 -16.72 11.92 -5.97
CA LEU A 73 -18.12 12.36 -5.87
C LEU A 73 -18.25 13.89 -5.80
N GLY A 74 -17.18 14.57 -5.42
CA GLY A 74 -17.20 16.02 -5.30
C GLY A 74 -18.00 16.48 -4.10
N VAL A 75 -17.83 15.80 -2.96
CA VAL A 75 -18.56 16.09 -1.74
C VAL A 75 -17.64 16.08 -0.51
N PRO A 76 -18.06 16.74 0.60
CA PRO A 76 -17.26 16.66 1.82
C PRO A 76 -17.10 15.22 2.27
N VAL A 77 -15.97 14.91 2.89
CA VAL A 77 -15.70 13.53 3.28
C VAL A 77 -16.76 13.05 4.28
N GLU A 78 -17.38 13.97 5.03
CA GLU A 78 -18.41 13.62 6.01
C GLU A 78 -19.82 13.48 5.45
N ASP A 79 -20.01 13.75 4.16
CA ASP A 79 -21.28 13.59 3.47
C ASP A 79 -21.70 12.12 3.56
N PRO A 80 -22.96 11.83 3.93
CA PRO A 80 -23.39 10.41 4.03
C PRO A 80 -23.14 9.57 2.76
N ARG A 81 -23.14 10.21 1.60
CA ARG A 81 -22.86 9.52 0.33
C ARG A 81 -21.46 8.89 0.33
N VAL A 82 -20.52 9.46 1.08
CA VAL A 82 -19.17 8.90 1.18
C VAL A 82 -19.17 7.57 1.95
N ALA A 83 -19.84 7.55 3.10
CA ALA A 83 -19.97 6.32 3.86
C ALA A 83 -20.68 5.22 3.05
N GLU A 84 -21.69 5.60 2.29
CA GLU A 84 -22.44 4.65 1.46
C GLU A 84 -21.50 4.05 0.43
N ALA A 85 -20.75 4.91 -0.24
CA ALA A 85 -19.84 4.45 -1.27
C ALA A 85 -18.71 3.59 -0.69
N THR A 86 -18.19 3.99 0.47
CA THR A 86 -17.10 3.25 1.10
C THR A 86 -17.55 1.84 1.49
N GLU A 87 -18.77 1.73 2.01
CA GLU A 87 -19.30 0.43 2.40
C GLU A 87 -19.53 -0.47 1.19
N GLU A 88 -20.08 0.10 0.12
CA GLU A 88 -20.29 -0.67 -1.12
C GLU A 88 -18.94 -1.12 -1.70
N TYR A 89 -17.96 -0.23 -1.70
CA TYR A 89 -16.62 -0.58 -2.15
C TYR A 89 -16.07 -1.76 -1.32
N GLY A 90 -16.21 -1.67 -0.01
CA GLY A 90 -15.73 -2.73 0.85
C GLY A 90 -16.34 -4.09 0.50
N ARG A 91 -17.63 -4.09 0.21
CA ARG A 91 -18.31 -5.35 -0.14
C ARG A 91 -17.74 -5.92 -1.43
N ARG A 92 -17.63 -5.08 -2.45
CA ARG A 92 -17.17 -5.53 -3.75
C ARG A 92 -15.70 -5.93 -3.70
N PHE A 93 -14.89 -5.10 -3.04
CA PHE A 93 -13.47 -5.41 -2.98
C PHE A 93 -13.21 -6.66 -2.15
N GLY A 94 -13.97 -6.85 -1.06
CA GLY A 94 -13.81 -8.06 -0.25
C GLY A 94 -14.11 -9.30 -1.07
N ALA A 95 -15.16 -9.23 -1.88
CA ALA A 95 -15.49 -10.35 -2.77
C ALA A 95 -14.37 -10.63 -3.77
N HIS A 96 -13.79 -9.58 -4.30
CA HIS A 96 -12.67 -9.72 -5.23
C HIS A 96 -11.46 -10.40 -4.59
N VAL A 97 -11.15 -10.00 -3.35
CA VAL A 97 -10.03 -10.59 -2.64
C VAL A 97 -10.27 -12.07 -2.30
N ARG A 98 -11.50 -12.42 -1.92
CA ARG A 98 -11.83 -13.82 -1.68
CA ARG A 98 -11.83 -13.83 -1.68
C ARG A 98 -11.73 -14.62 -2.98
N ALA A 99 -12.14 -14.03 -4.10
CA ALA A 99 -12.01 -14.72 -5.40
C ALA A 99 -10.55 -14.97 -5.79
N ALA A 100 -9.67 -14.02 -5.46
CA ALA A 100 -8.27 -14.07 -5.90
C ALA A 100 -7.39 -14.90 -4.98
N GLY A 101 -7.58 -14.77 -3.68
CA GLY A 101 -6.68 -15.41 -2.73
C GLY A 101 -5.25 -14.98 -2.99
N PRO A 102 -4.31 -15.94 -2.90
CA PRO A 102 -2.91 -15.64 -3.18
C PRO A 102 -2.64 -15.07 -4.59
N ARG A 103 -3.54 -15.29 -5.55
CA ARG A 103 -3.41 -14.71 -6.88
C ARG A 103 -3.49 -13.21 -6.90
N LEU A 104 -3.93 -12.61 -5.79
CA LEU A 104 -3.93 -11.17 -5.71
C LEU A 104 -2.50 -10.60 -5.74
N LEU A 105 -1.51 -11.39 -5.33
CA LEU A 105 -0.15 -10.92 -5.22
C LEU A 105 0.61 -11.02 -6.53
N TYR A 106 1.57 -10.12 -6.71
CA TYR A 106 2.46 -10.18 -7.85
C TYR A 106 3.28 -11.47 -7.75
N PRO A 107 3.68 -12.03 -8.91
CA PRO A 107 4.57 -13.21 -8.90
C PRO A 107 5.84 -12.95 -8.09
N GLY A 108 6.23 -13.92 -7.26
CA GLY A 108 7.48 -13.81 -6.52
C GLY A 108 7.38 -13.15 -5.17
N VAL A 109 6.20 -12.63 -4.82
CA VAL A 109 6.08 -11.87 -3.57
C VAL A 109 6.27 -12.76 -2.33
N LEU A 110 5.48 -13.83 -2.17
CA LEU A 110 5.65 -14.69 -0.99
C LEU A 110 7.04 -15.29 -0.89
N GLU A 111 7.54 -15.77 -2.01
CA GLU A 111 8.90 -16.32 -2.04
C GLU A 111 9.96 -15.26 -1.68
N GLY A 112 9.76 -14.04 -2.17
CA GLY A 112 10.68 -12.97 -1.88
C GLY A 112 10.66 -12.58 -0.42
N LEU A 113 9.45 -12.47 0.14
CA LEU A 113 9.35 -12.14 1.56
C LEU A 113 10.02 -13.24 2.41
N ASP A 114 9.84 -14.50 2.03
CA ASP A 114 10.48 -15.60 2.74
C ASP A 114 12.01 -15.48 2.70
N ARG A 115 12.55 -15.08 1.55
CA ARG A 115 14.01 -14.88 1.43
C ARG A 115 14.50 -13.73 2.30
N LEU A 116 13.70 -12.68 2.40
CA LEU A 116 14.08 -11.57 3.26
C LEU A 116 14.06 -12.03 4.71
N SER A 117 13.03 -12.77 5.11
CA SER A 117 12.98 -13.31 6.47
CA SER A 117 12.97 -13.27 6.47
C SER A 117 14.17 -14.20 6.76
N ALA A 118 14.52 -15.04 5.79
CA ALA A 118 15.66 -15.94 5.94
C ALA A 118 16.98 -15.16 6.17
N ALA A 119 17.09 -13.96 5.58
CA ALA A 119 18.29 -13.16 5.73
C ALA A 119 18.25 -12.30 6.98
N GLY A 120 17.20 -12.42 7.77
CA GLY A 120 17.09 -11.75 9.07
C GLY A 120 16.39 -10.40 9.06
N PHE A 121 15.71 -10.08 7.97
CA PHE A 121 14.90 -8.84 7.94
C PHE A 121 13.53 -9.08 8.61
N ARG A 122 13.09 -8.09 9.36
CA ARG A 122 11.74 -8.07 9.94
C ARG A 122 10.87 -7.25 8.99
N LEU A 123 9.66 -7.73 8.75
CA LEU A 123 8.82 -7.23 7.68
C LEU A 123 7.52 -6.64 8.21
N ALA A 124 7.12 -5.51 7.62
CA ALA A 124 5.87 -4.85 7.98
C ALA A 124 5.15 -4.37 6.73
N MET A 125 3.84 -4.21 6.87
CA MET A 125 3.01 -3.57 5.84
CA MET A 125 3.02 -3.57 5.84
C MET A 125 2.61 -2.19 6.32
N ALA A 126 2.67 -1.21 5.43
CA ALA A 126 2.17 0.16 5.68
C ALA A 126 1.34 0.53 4.46
N THR A 127 0.04 0.54 4.60
CA THR A 127 -0.89 0.69 3.48
C THR A 127 -1.84 1.86 3.73
N SER A 128 -2.33 2.44 2.64
CA SER A 128 -3.40 3.43 2.75
C SER A 128 -4.80 2.83 2.89
N LYS A 129 -4.92 1.50 2.81
CA LYS A 129 -6.16 0.79 3.17
CA LYS A 129 -6.18 0.82 3.16
C LYS A 129 -6.37 0.93 4.67
N VAL A 130 -7.61 0.82 5.12
CA VAL A 130 -7.81 0.77 6.56
C VAL A 130 -7.25 -0.55 7.12
N GLU A 131 -6.87 -0.53 8.40
CA GLU A 131 -6.17 -1.64 9.02
C GLU A 131 -6.95 -2.96 8.96
N LYS A 132 -8.26 -2.93 9.18
CA LYS A 132 -9.04 -4.19 9.16
CA LYS A 132 -9.02 -4.18 9.16
C LYS A 132 -9.01 -4.82 7.76
N ALA A 133 -9.06 -3.97 6.73
CA ALA A 133 -9.02 -4.44 5.34
C ALA A 133 -7.64 -5.00 5.06
N ALA A 134 -6.60 -4.32 5.53
CA ALA A 134 -5.24 -4.77 5.35
C ALA A 134 -4.99 -6.15 5.96
N ARG A 135 -5.50 -6.36 7.18
CA ARG A 135 -5.35 -7.65 7.84
CA ARG A 135 -5.36 -7.66 7.82
C ARG A 135 -6.12 -8.76 7.11
N ALA A 136 -7.33 -8.45 6.68
CA ALA A 136 -8.13 -9.43 5.95
C ALA A 136 -7.43 -9.86 4.63
N ILE A 137 -6.90 -8.89 3.90
CA ILE A 137 -6.13 -9.17 2.71
C ILE A 137 -4.89 -10.00 3.02
N ALA A 138 -4.20 -9.66 4.11
CA ALA A 138 -2.99 -10.42 4.49
C ALA A 138 -3.35 -11.87 4.77
N GLU A 139 -4.47 -12.07 5.46
CA GLU A 139 -4.92 -13.43 5.80
C GLU A 139 -5.32 -14.26 4.57
N LEU A 140 -6.01 -13.63 3.61
CA LEU A 140 -6.48 -14.32 2.41
C LEU A 140 -5.36 -14.59 1.39
N THR A 141 -4.28 -13.83 1.46
CA THR A 141 -3.17 -13.97 0.48
C THR A 141 -1.98 -14.76 0.99
N GLY A 142 -1.88 -14.91 2.31
CA GLY A 142 -0.72 -15.55 2.94
C GLY A 142 0.37 -14.59 3.40
N LEU A 143 0.18 -13.30 3.19
CA LEU A 143 1.12 -12.30 3.70
C LEU A 143 1.16 -12.35 5.20
N ASP A 144 0.07 -12.74 5.85
CA ASP A 144 -0.03 -12.65 7.30
C ASP A 144 1.06 -13.42 8.06
N THR A 145 1.51 -14.55 7.52
CA THR A 145 2.51 -15.37 8.20
C THR A 145 3.94 -14.85 7.96
N ARG A 146 4.09 -13.84 7.10
CA ARG A 146 5.38 -13.23 6.84
C ARG A 146 5.57 -11.90 7.53
N LEU A 147 4.47 -11.24 7.84
CA LEU A 147 4.53 -9.87 8.36
C LEU A 147 4.47 -9.85 9.87
N THR A 148 5.39 -9.12 10.48
CA THR A 148 5.41 -8.96 11.92
C THR A 148 4.40 -7.88 12.38
N VAL A 149 4.21 -6.84 11.54
CA VAL A 149 3.37 -5.70 11.88
C VAL A 149 2.58 -5.31 10.64
N ILE A 150 1.32 -4.93 10.81
CA ILE A 150 0.49 -4.36 9.75
C ILE A 150 -0.13 -3.06 10.23
N ALA A 151 0.06 -1.98 9.46
CA ALA A 151 -0.59 -0.70 9.73
C ALA A 151 -1.29 -0.20 8.49
N GLY A 152 -2.44 0.43 8.70
CA GLY A 152 -3.21 1.10 7.67
C GLY A 152 -3.49 2.56 7.96
N ASP A 153 -4.29 3.18 7.11
CA ASP A 153 -4.49 4.63 7.15
C ASP A 153 -5.08 5.10 8.48
N ASP A 154 -5.90 4.27 9.09
CA ASP A 154 -6.56 4.58 10.37
C ASP A 154 -5.80 4.10 11.59
N SER A 155 -4.64 3.50 11.39
CA SER A 155 -3.82 3.05 12.51
C SER A 155 -3.11 4.22 13.21
N VAL A 156 -2.92 5.30 12.47
CA VAL A 156 -2.26 6.50 12.93
C VAL A 156 -3.12 7.71 12.61
N GLU A 157 -2.90 8.80 13.34
CA GLU A 157 -3.60 10.05 13.10
C GLU A 157 -3.26 10.64 11.72
N ARG A 158 -1.98 10.64 11.35
CA ARG A 158 -1.54 11.19 10.08
C ARG A 158 -1.03 10.08 9.18
N GLY A 159 -1.79 9.79 8.14
CA GLY A 159 -1.43 8.78 7.13
C GLY A 159 -0.40 9.28 6.12
N LYS A 160 -0.19 8.49 5.07
CA LYS A 160 0.74 8.89 4.02
C LYS A 160 0.23 10.21 3.44
N PRO A 161 1.16 11.11 3.06
CA PRO A 161 2.60 10.99 2.99
C PRO A 161 3.40 11.36 4.23
N HIS A 162 2.74 11.54 5.37
CA HIS A 162 3.45 11.82 6.62
C HIS A 162 4.24 10.62 7.07
N PRO A 163 5.30 10.85 7.86
CA PRO A 163 6.17 9.73 8.23
C PRO A 163 5.56 8.77 9.27
N ASP A 164 4.50 9.23 9.93
CA ASP A 164 3.98 8.60 11.13
C ASP A 164 3.74 7.09 11.01
N MET A 165 3.11 6.66 9.92
CA MET A 165 2.82 5.23 9.77
C MET A 165 4.09 4.40 9.76
N ALA A 166 5.11 4.91 9.09
CA ALA A 166 6.40 4.20 8.99
C ALA A 166 7.09 4.18 10.35
N LEU A 167 7.06 5.32 11.05
CA LEU A 167 7.58 5.33 12.42
C LEU A 167 6.85 4.38 13.37
N HIS A 168 5.54 4.29 13.21
CA HIS A 168 4.72 3.40 14.04
C HIS A 168 5.07 1.94 13.78
N VAL A 169 5.19 1.55 12.51
CA VAL A 169 5.53 0.16 12.23
CA VAL A 169 5.55 0.18 12.17
C VAL A 169 6.98 -0.15 12.62
N ALA A 170 7.90 0.80 12.47
CA ALA A 170 9.30 0.58 12.90
C ALA A 170 9.33 0.27 14.42
N ARG A 171 8.55 1.02 15.18
CA ARG A 171 8.42 0.76 16.61
CA ARG A 171 8.42 0.75 16.61
C ARG A 171 7.88 -0.64 16.84
N GLY A 172 6.84 -1.00 16.09
CA GLY A 172 6.28 -2.35 16.16
C GLY A 172 7.30 -3.45 15.87
N LEU A 173 8.19 -3.19 14.92
CA LEU A 173 9.25 -4.14 14.55
C LEU A 173 10.39 -4.16 15.56
N GLY A 174 10.51 -3.11 16.37
CA GLY A 174 11.65 -2.96 17.28
C GLY A 174 12.94 -2.60 16.57
N ILE A 175 12.83 -1.92 15.42
CA ILE A 175 13.95 -1.56 14.58
C ILE A 175 13.94 -0.04 14.45
N PRO A 176 15.07 0.61 14.70
CA PRO A 176 15.09 2.05 14.55
C PRO A 176 14.87 2.45 13.09
N PRO A 177 14.27 3.64 12.86
CA PRO A 177 13.94 4.06 11.48
C PRO A 177 15.14 4.04 10.53
N GLU A 178 16.31 4.36 11.04
CA GLU A 178 17.58 4.39 10.32
CA GLU A 178 17.51 4.41 10.20
C GLU A 178 17.92 3.04 9.67
N ARG A 179 17.43 1.95 10.26
CA ARG A 179 17.72 0.61 9.79
C ARG A 179 16.51 -0.02 9.05
N CYS A 180 15.59 0.83 8.61
CA CYS A 180 14.43 0.41 7.83
C CYS A 180 14.51 0.92 6.40
N VAL A 181 13.99 0.12 5.48
CA VAL A 181 13.82 0.52 4.10
C VAL A 181 12.34 0.40 3.76
N VAL A 182 11.84 1.38 3.02
CA VAL A 182 10.46 1.41 2.53
C VAL A 182 10.47 1.01 1.08
N ILE A 183 9.58 0.10 0.71
CA ILE A 183 9.40 -0.34 -0.66
C ILE A 183 7.97 0.00 -1.07
N GLY A 184 7.82 0.78 -2.14
CA GLY A 184 6.48 1.14 -2.59
C GLY A 184 6.45 1.68 -4.00
N ASP A 185 5.23 1.78 -4.54
CA ASP A 185 5.00 2.20 -5.92
C ASP A 185 4.48 3.62 -6.01
N GLY A 186 4.24 4.27 -4.86
CA GLY A 186 3.62 5.57 -4.85
C GLY A 186 4.49 6.71 -4.38
N VAL A 187 4.27 7.90 -4.92
CA VAL A 187 4.92 9.07 -4.39
C VAL A 187 4.70 9.22 -2.87
N PRO A 188 3.49 8.92 -2.38
CA PRO A 188 3.31 9.02 -0.92
C PRO A 188 4.18 8.08 -0.09
N ASP A 189 4.53 6.93 -0.65
CA ASP A 189 5.43 6.00 0.02
C ASP A 189 6.83 6.57 0.10
N ALA A 190 7.30 7.14 -1.01
CA ALA A 190 8.64 7.74 -1.04
C ALA A 190 8.72 8.92 -0.09
N GLU A 191 7.68 9.77 -0.10
CA GLU A 191 7.63 10.93 0.80
C GLU A 191 7.58 10.48 2.27
N MET A 192 6.79 9.45 2.57
CA MET A 192 6.68 8.91 3.93
C MET A 192 8.03 8.39 4.40
N GLY A 193 8.70 7.59 3.56
CA GLY A 193 10.00 7.03 3.93
C GLY A 193 11.07 8.07 4.15
N ARG A 194 11.18 9.01 3.22
CA ARG A 194 12.17 10.08 3.33
CA ARG A 194 12.15 10.09 3.32
C ARG A 194 11.93 10.90 4.60
N ALA A 195 10.67 11.23 4.88
CA ALA A 195 10.33 12.01 6.08
C ALA A 195 10.63 11.27 7.37
N ALA A 196 10.59 9.94 7.32
CA ALA A 196 10.86 9.11 8.47
C ALA A 196 12.36 8.82 8.64
N GLY A 197 13.18 9.30 7.72
CA GLY A 197 14.64 9.03 7.74
C GLY A 197 15.05 7.64 7.26
N MET A 198 14.25 7.07 6.39
CA MET A 198 14.45 5.71 5.88
C MET A 198 14.89 5.76 4.45
N THR A 199 15.59 4.72 4.03
CA THR A 199 15.91 4.50 2.64
CA THR A 199 15.89 4.57 2.62
C THR A 199 14.62 4.09 1.91
N VAL A 200 14.52 4.40 0.64
CA VAL A 200 13.33 4.12 -0.15
C VAL A 200 13.73 3.44 -1.45
N ILE A 201 13.14 2.26 -1.69
CA ILE A 201 13.20 1.58 -2.98
C ILE A 201 11.84 1.75 -3.63
N GLY A 202 11.80 2.54 -4.69
CA GLY A 202 10.58 2.64 -5.49
C GLY A 202 10.46 1.46 -6.44
N VAL A 203 9.22 1.13 -6.79
CA VAL A 203 8.96 0.11 -7.82
C VAL A 203 8.13 0.76 -8.91
N SER A 204 8.43 0.39 -10.15
CA SER A 204 7.85 1.06 -11.32
C SER A 204 6.65 0.33 -11.94
N TYR A 205 6.27 -0.82 -11.38
CA TYR A 205 5.23 -1.67 -11.95
C TYR A 205 3.80 -1.40 -11.39
N GLY A 206 3.70 -0.44 -10.49
CA GLY A 206 2.46 0.02 -9.89
C GLY A 206 1.95 1.30 -10.50
N VAL A 207 1.56 2.25 -9.66
CA VAL A 207 0.88 3.47 -10.14
C VAL A 207 1.81 4.55 -10.64
N SER A 208 3.12 4.47 -10.34
CA SER A 208 4.04 5.56 -10.69
C SER A 208 5.08 5.15 -11.69
N GLY A 209 5.53 6.12 -12.48
CA GLY A 209 6.70 5.95 -13.28
C GLY A 209 7.97 6.18 -12.49
N PRO A 210 9.09 5.81 -13.08
CA PRO A 210 10.34 5.86 -12.35
C PRO A 210 10.83 7.26 -12.09
N ASP A 211 10.62 8.18 -13.02
CA ASP A 211 11.13 9.53 -12.80
C ASP A 211 10.39 10.22 -11.66
N GLU A 212 9.09 10.01 -11.59
CA GLU A 212 8.31 10.61 -10.52
C GLU A 212 8.75 10.10 -9.15
N LEU A 213 9.07 8.80 -9.07
CA LEU A 213 9.55 8.25 -7.80
C LEU A 213 10.91 8.77 -7.42
N MET A 214 11.81 8.84 -8.39
CA MET A 214 13.12 9.47 -8.10
C MET A 214 12.97 10.93 -7.67
N ARG A 215 12.07 11.65 -8.33
N ARG A 215 12.09 11.67 -8.35
CA ARG A 215 11.88 13.03 -7.96
CA ARG A 215 11.84 13.07 -7.99
C ARG A 215 11.28 13.23 -6.57
C ARG A 215 11.30 13.23 -6.57
N ALA A 216 10.51 12.24 -6.11
CA ALA A 216 9.93 12.26 -4.78
C ALA A 216 10.87 11.79 -3.68
N GLY A 217 12.06 11.35 -4.06
CA GLY A 217 13.11 10.98 -3.11
C GLY A 217 13.51 9.53 -3.03
N ALA A 218 13.01 8.67 -3.93
CA ALA A 218 13.47 7.28 -3.95
C ALA A 218 14.98 7.22 -4.15
N ASP A 219 15.60 6.32 -3.41
CA ASP A 219 17.04 6.12 -3.55
C ASP A 219 17.37 5.37 -4.83
N THR A 220 16.47 4.48 -5.22
CA THR A 220 16.55 3.74 -6.47
C THR A 220 15.13 3.31 -6.85
N VAL A 221 14.95 2.93 -8.10
CA VAL A 221 13.69 2.40 -8.59
C VAL A 221 13.99 1.11 -9.34
N VAL A 222 13.23 0.06 -9.02
CA VAL A 222 13.35 -1.25 -9.68
C VAL A 222 12.05 -1.61 -10.38
N ASP A 223 12.11 -2.61 -11.26
CA ASP A 223 11.00 -2.91 -12.15
C ASP A 223 10.22 -4.18 -11.84
N SER A 224 10.53 -4.85 -10.73
CA SER A 224 9.78 -6.03 -10.30
C SER A 224 9.99 -6.27 -8.83
N PHE A 225 9.09 -7.03 -8.21
CA PHE A 225 9.27 -7.33 -6.79
C PHE A 225 10.53 -8.16 -6.49
N PRO A 226 10.78 -9.23 -7.28
CA PRO A 226 12.04 -9.93 -7.10
C PRO A 226 13.28 -9.00 -7.17
N ALA A 227 13.25 -7.98 -8.05
CA ALA A 227 14.37 -7.03 -8.11
C ALA A 227 14.48 -6.18 -6.84
N ALA A 228 13.35 -5.87 -6.23
CA ALA A 228 13.36 -5.14 -4.96
C ALA A 228 13.95 -6.00 -3.85
N VAL A 229 13.61 -7.28 -3.84
CA VAL A 229 14.16 -8.22 -2.86
C VAL A 229 15.68 -8.33 -3.02
N THR A 230 16.13 -8.44 -4.26
CA THR A 230 17.56 -8.53 -4.55
C THR A 230 18.30 -7.29 -4.10
N ALA A 231 17.71 -6.11 -4.34
CA ALA A 231 18.30 -4.85 -3.87
C ALA A 231 18.51 -4.85 -2.35
N VAL A 232 17.50 -5.31 -1.62
CA VAL A 232 17.61 -5.37 -0.15
C VAL A 232 18.68 -6.38 0.30
N LEU A 233 18.64 -7.59 -0.27
CA LEU A 233 19.59 -8.65 0.09
C LEU A 233 21.03 -8.29 -0.17
N ASP A 234 21.27 -7.61 -1.28
CA ASP A 234 22.65 -7.22 -1.67
C ASP A 234 23.10 -5.93 -0.97
N GLY A 235 22.18 -5.25 -0.30
CA GLY A 235 22.54 -4.15 0.60
C GLY A 235 22.55 -2.80 -0.07
MG MG B . 0.74 1.57 -3.58
B BO3 C . -16.26 5.52 -14.80
O1 BO3 C . -16.44 4.16 -15.31
O2 BO3 C . -17.25 6.13 -13.87
O3 BO3 C . -15.13 6.35 -15.22
P PO4 D . -1.62 1.59 -0.80
O1 PO4 D . -1.39 0.20 -0.11
O2 PO4 D . -1.08 2.78 0.05
O3 PO4 D . -0.91 1.92 -2.22
O4 PO4 D . -3.23 1.60 -0.72
#